data_2O80
#
_entry.id   2O80
#
loop_
_entity.id
_entity.type
_entity.pdbx_description
1 polymer "5'-D(*CP*CP*AP*AP*AP*GP*(ORP)P*AP*CP*CP*GP*GP*G)-3'"
2 polymer "5'-D(*CP*CP*CP*GP*GP*TP*CP*CP*TP*TP*TP*GP*G)-3'"
#
loop_
_entity_poly.entity_id
_entity_poly.type
_entity_poly.pdbx_seq_one_letter_code
_entity_poly.pdbx_strand_id
1 'polydeoxyribonucleotide' (DC)(DC)(DA)(DA)(DA)(DG)(ORP)(DA)(DC)(DC)(DG)(DG)(DG) A
2 'polydeoxyribonucleotide' (DC)(DC)(DC)(DG)(DG)(DT)(DC)(DC)(DT)(DT)(DT)(DG)(DG) B
#